data_5TOL
#
_entry.id   5TOL
#
_cell.length_a   101.490
_cell.length_b   101.490
_cell.length_c   171.237
_cell.angle_alpha   90.000
_cell.angle_beta   90.000
_cell.angle_gamma   120.000
#
_symmetry.space_group_name_H-M   'P 61 2 2'
#
loop_
_entity.id
_entity.type
_entity.pdbx_description
1 polymer 'Beta-secretase 1'
2 non-polymer N-{3-[(4aR,7aR)-2-amino-4,4a,5,6-tetrahydro-7aH-furo[2,3-d][1,3]thiazin-7a-yl]-4-fluorophenyl}-5-bromopyridine-2-carboxamide
3 water water
#
_entity_poly.entity_id   1
_entity_poly.type   'polypeptide(L)'
_entity_poly.pdbx_seq_one_letter_code
;LPRETDEEPEEPGKKGSFVEMVDNLRGKSGQGYYVEMTVGSPPQTLNILVDTGSSNFAVGAAPHPFLHRYYQRQLSSTYR
DLRKGVYVPYTQGKWEGELGTDLVSIPHGPNVTVRANIAAITESDKFFINGSNWEGILGLAYAEIARPDDSLEPFFDSLV
KQTHVPNLFSLQLCGAGFPLNQSEVLASVGGSMIIGGIDHSLYTGSLWYTPIRREWYYEVIIVRVEINGQDLKMDCKEYN
YDKSIVDSGTTNLRLPKKVFEAAVKSIKAASSTEKFPDGFWLGEQLVCWQAGTTPWNIFPVISLYLMGEVTNQSFRITIL
PQQYLRPVEDVATSQDDCYKFAISQSSTGTVMGAVIMEGFYVVFDRARKRIGFAVSACHVHDEFRTAAVEGPFVTLDMED
CGYNIPQTDEST
;
_entity_poly.pdbx_strand_id   A
#
loop_
_chem_comp.id
_chem_comp.type
_chem_comp.name
_chem_comp.formula
7H3 non-polymer N-{3-[(4aR,7aR)-2-amino-4,4a,5,6-tetrahydro-7aH-furo[2,3-d][1,3]thiazin-7a-yl]-4-fluorophenyl}-5-bromopyridine-2-carboxamide 'C18 H16 Br F N4 O2 S'
#
# COMPACT_ATOMS: atom_id res chain seq x y z
N GLY A 16 -17.51 -0.29 16.97
CA GLY A 16 -17.83 -1.72 16.69
C GLY A 16 -18.00 -1.96 15.19
N SER A 17 -19.08 -1.43 14.64
CA SER A 17 -19.38 -1.61 13.21
C SER A 17 -18.60 -0.61 12.34
N PHE A 18 -18.92 -0.60 11.05
CA PHE A 18 -18.13 0.13 10.03
C PHE A 18 -18.11 1.65 10.18
N VAL A 19 -19.19 2.24 10.68
CA VAL A 19 -19.22 3.68 10.99
C VAL A 19 -18.08 4.05 11.97
N GLU A 20 -17.93 3.24 13.02
CA GLU A 20 -16.91 3.44 14.05
C GLU A 20 -15.47 3.22 13.54
N MET A 21 -15.32 2.72 12.33
CA MET A 21 -14.00 2.53 11.71
C MET A 21 -13.61 3.61 10.72
N VAL A 22 -14.58 4.33 10.14
CA VAL A 22 -14.28 5.42 9.22
C VAL A 22 -13.27 6.36 9.88
N ASP A 23 -12.21 6.68 9.14
CA ASP A 23 -11.25 7.68 9.60
C ASP A 23 -10.30 7.22 10.74
N ASN A 24 -10.08 5.91 10.84
CA ASN A 24 -9.20 5.32 11.82
C ASN A 24 -7.73 5.30 11.41
N LEU A 25 -7.39 5.92 10.27
CA LEU A 25 -6.00 5.96 9.82
C LEU A 25 -5.44 7.38 9.93
N ARG A 26 -4.16 7.49 10.30
CA ARG A 26 -3.49 8.78 10.36
C ARG A 26 -2.11 8.65 9.75
N GLY A 27 -1.50 9.80 9.43
CA GLY A 27 -0.10 9.86 9.06
C GLY A 27 0.38 11.21 8.56
N LYS A 28 1.60 11.24 8.05
CA LYS A 28 2.12 12.40 7.36
C LYS A 28 2.64 11.99 5.99
N SER A 29 2.55 12.90 5.02
CA SER A 29 3.01 12.66 3.64
C SER A 29 4.36 12.01 3.63
N GLY A 30 4.44 10.86 2.95
CA GLY A 30 5.66 10.12 2.81
C GLY A 30 6.03 9.31 4.03
N GLN A 31 5.17 9.30 5.06
CA GLN A 31 5.51 8.49 6.24
C GLN A 31 4.59 7.29 6.47
N GLY A 32 3.61 7.11 5.59
CA GLY A 32 2.71 5.97 5.66
C GLY A 32 1.46 6.15 6.51
N TYR A 33 0.56 5.19 6.42
CA TYR A 33 -0.69 5.28 7.18
C TYR A 33 -0.62 4.34 8.33
N TYR A 34 -1.09 4.79 9.49
CA TYR A 34 -1.04 3.96 10.67
C TYR A 34 -2.37 3.91 11.40
N VAL A 35 -2.60 2.79 12.08
CA VAL A 35 -3.83 2.53 12.82
C VAL A 35 -3.41 2.32 14.27
N GLU A 36 -4.25 2.76 15.18
CA GLU A 36 -4.03 2.52 16.59
C GLU A 36 -4.34 1.05 16.93
N MET A 37 -3.46 0.42 17.70
CA MET A 37 -3.72 -0.92 18.20
C MET A 37 -3.39 -0.97 19.70
N THR A 38 -3.89 -2.01 20.38
CA THR A 38 -3.47 -2.27 21.76
C THR A 38 -2.90 -3.66 21.79
N VAL A 39 -1.80 -3.86 22.51
CA VAL A 39 -1.21 -5.18 22.75
C VAL A 39 -1.06 -5.40 24.27
N GLY A 40 -1.16 -6.65 24.70
CA GLY A 40 -1.00 -7.04 26.10
C GLY A 40 -2.15 -6.73 27.04
N SER A 41 -1.99 -7.15 28.31
CA SER A 41 -2.95 -6.85 29.39
C SER A 41 -2.21 -6.42 30.67
N PRO A 42 -2.47 -5.18 31.14
CA PRO A 42 -3.46 -4.28 30.57
C PRO A 42 -3.01 -3.75 29.19
N PRO A 43 -3.96 -3.27 28.38
CA PRO A 43 -3.71 -2.81 27.00
C PRO A 43 -2.66 -1.70 26.89
N GLN A 44 -1.63 -1.93 26.06
CA GLN A 44 -0.62 -0.91 25.71
C GLN A 44 -0.94 -0.33 24.30
N THR A 45 -1.17 0.98 24.21
CA THR A 45 -1.51 1.63 22.94
C THR A 45 -0.27 1.90 22.08
N LEU A 46 -0.30 1.42 20.84
CA LEU A 46 0.75 1.71 19.85
C LEU A 46 0.10 2.14 18.53
N ASN A 47 0.78 3.01 17.78
CA ASN A 47 0.42 3.29 16.40
C ASN A 47 1.21 2.36 15.47
N ILE A 48 0.55 1.76 14.48
CA ILE A 48 1.14 0.68 13.69
C ILE A 48 0.93 0.92 12.19
N LEU A 49 2.03 1.03 11.45
CA LEU A 49 1.97 1.13 10.00
C LEU A 49 1.18 -0.03 9.36
N VAL A 50 0.20 0.34 8.55
CA VAL A 50 -0.61 -0.60 7.81
C VAL A 50 0.12 -0.96 6.51
N ASP A 51 0.56 -2.22 6.42
CA ASP A 51 1.38 -2.65 5.28
C ASP A 51 0.85 -3.89 4.53
N THR A 52 0.25 -3.70 3.35
CA THR A 52 -0.26 -4.86 2.62
C THR A 52 0.85 -5.59 1.85
N GLY A 53 2.07 -5.06 1.95
CA GLY A 53 3.21 -5.66 1.27
C GLY A 53 4.10 -6.58 2.09
N SER A 54 3.70 -6.95 3.30
CA SER A 54 4.46 -7.90 4.13
C SER A 54 3.51 -8.65 5.06
N SER A 55 4.01 -9.54 5.91
CA SER A 55 3.13 -10.47 6.61
C SER A 55 3.44 -10.66 8.10
N ASN A 56 4.40 -9.91 8.59
CA ASN A 56 4.73 -9.94 10.00
C ASN A 56 4.08 -8.79 10.74
N PHE A 57 3.57 -9.09 11.93
CA PHE A 57 3.21 -8.07 12.91
C PHE A 57 4.46 -7.88 13.81
N ALA A 58 5.07 -6.69 13.76
CA ALA A 58 6.36 -6.45 14.40
C ALA A 58 6.31 -5.06 15.02
N VAL A 59 6.63 -4.97 16.31
CA VAL A 59 6.58 -3.70 17.03
C VAL A 59 7.89 -3.40 17.76
N GLY A 60 8.22 -2.10 17.86
CA GLY A 60 9.29 -1.64 18.71
C GLY A 60 9.10 -2.10 20.15
N ALA A 61 10.14 -2.69 20.73
CA ALA A 61 10.06 -3.24 22.08
C ALA A 61 11.18 -2.74 22.98
N ALA A 62 11.86 -1.68 22.55
CA ALA A 62 13.01 -1.15 23.26
C ALA A 62 13.11 0.36 23.01
N PRO A 63 13.69 1.13 23.95
CA PRO A 63 13.61 2.61 23.80
C PRO A 63 14.56 3.16 22.72
N HIS A 64 14.23 2.89 21.45
CA HIS A 64 14.87 3.56 20.33
C HIS A 64 14.51 5.04 20.53
N PRO A 65 15.52 5.90 20.57
CA PRO A 65 15.33 7.34 20.87
C PRO A 65 14.30 8.06 19.99
N PHE A 66 14.03 7.53 18.80
CA PHE A 66 13.01 8.14 17.94
C PHE A 66 11.61 7.59 18.05
N LEU A 67 11.38 6.56 18.89
CA LEU A 67 10.02 6.04 19.12
C LEU A 67 9.32 6.83 20.20
N HIS A 68 8.02 7.08 20.02
CA HIS A 68 7.20 7.72 21.05
C HIS A 68 6.79 6.75 22.16
N ARG A 69 6.65 5.48 21.83
CA ARG A 69 6.02 4.47 22.67
C ARG A 69 6.66 3.19 22.19
N TYR A 70 6.68 2.17 23.05
CA TYR A 70 7.15 0.86 22.64
C TYR A 70 6.53 -0.23 23.50
N TYR A 71 6.50 -1.44 22.96
CA TYR A 71 5.88 -2.58 23.59
C TYR A 71 6.73 -3.04 24.76
N GLN A 72 6.18 -3.00 25.97
CA GLN A 72 6.94 -3.47 27.13
C GLN A 72 6.36 -4.80 27.57
N ARG A 73 7.02 -5.87 27.15
CA ARG A 73 6.57 -7.22 27.44
C ARG A 73 6.46 -7.52 28.96
N GLN A 74 7.45 -7.10 29.74
CA GLN A 74 7.41 -7.25 31.19
C GLN A 74 6.10 -6.75 31.89
N LEU A 75 5.30 -5.90 31.23
CA LEU A 75 4.10 -5.33 31.88
C LEU A 75 2.83 -6.07 31.50
N SER A 76 2.98 -7.13 30.71
CA SER A 76 1.82 -7.79 30.15
C SER A 76 1.67 -9.16 30.78
N SER A 77 0.49 -9.42 31.35
CA SER A 77 0.22 -10.71 32.00
C SER A 77 -0.04 -11.80 30.97
N THR A 78 -0.48 -11.40 29.79
CA THR A 78 -0.88 -12.40 28.79
C THR A 78 0.21 -12.72 27.76
N TYR A 79 1.41 -12.20 27.99
CA TYR A 79 2.55 -12.42 27.09
C TYR A 79 3.11 -13.85 27.16
N ARG A 80 3.40 -14.44 26.01
CA ARG A 80 3.99 -15.78 25.95
C ARG A 80 5.18 -15.79 25.02
N ASP A 81 6.32 -16.13 25.59
CA ASP A 81 7.56 -16.19 24.85
C ASP A 81 7.56 -17.41 23.96
N LEU A 82 7.87 -17.22 22.67
CA LEU A 82 7.98 -18.36 21.76
C LEU A 82 9.41 -18.89 21.71
N ARG A 83 10.31 -18.29 22.48
CA ARG A 83 11.71 -18.75 22.58
C ARG A 83 12.37 -18.91 21.20
N LYS A 84 12.12 -17.95 20.31
CA LYS A 84 12.61 -18.02 18.94
C LYS A 84 12.89 -16.59 18.40
N GLY A 85 14.03 -16.41 17.73
CA GLY A 85 14.40 -15.13 17.17
C GLY A 85 14.01 -15.03 15.70
N VAL A 86 14.15 -13.82 15.11
CA VAL A 86 13.89 -13.58 13.68
C VAL A 86 14.74 -12.43 13.14
N TYR A 87 15.30 -12.62 11.95
CA TYR A 87 16.20 -11.64 11.37
C TYR A 87 15.73 -11.29 9.97
N VAL A 88 15.33 -10.03 9.74
CA VAL A 88 14.70 -9.63 8.48
C VAL A 88 15.48 -8.52 7.75
N PRO A 89 16.42 -8.89 6.88
CA PRO A 89 16.94 -7.83 6.05
C PRO A 89 16.04 -7.64 4.83
N TYR A 90 15.97 -6.41 4.33
CA TYR A 90 15.25 -6.12 3.08
C TYR A 90 16.07 -5.08 2.33
N THR A 91 15.63 -4.63 1.16
CA THR A 91 16.52 -3.75 0.37
C THR A 91 16.90 -2.46 1.11
N GLN A 92 15.90 -1.73 1.60
CA GLN A 92 16.13 -0.41 2.21
C GLN A 92 16.33 -0.42 3.74
N GLY A 93 16.60 -1.59 4.33
CA GLY A 93 16.74 -1.70 5.79
C GLY A 93 16.71 -3.10 6.42
N LYS A 94 16.68 -3.13 7.75
CA LYS A 94 16.64 -4.40 8.50
C LYS A 94 15.96 -4.25 9.87
N TRP A 95 15.23 -5.27 10.30
CA TRP A 95 14.88 -5.41 11.72
C TRP A 95 15.14 -6.83 12.23
N GLU A 96 15.19 -6.95 13.56
CA GLU A 96 15.59 -8.15 14.25
C GLU A 96 14.77 -8.21 15.53
N GLY A 97 14.31 -9.40 15.89
CA GLY A 97 13.41 -9.47 17.03
C GLY A 97 13.12 -10.82 17.62
N GLU A 98 12.28 -10.81 18.63
CA GLU A 98 12.01 -12.02 19.40
C GLU A 98 10.55 -12.33 19.22
N LEU A 99 10.27 -13.57 18.83
CA LEU A 99 8.88 -13.96 18.55
C LEU A 99 8.17 -14.29 19.86
N GLY A 100 6.90 -13.92 19.95
CA GLY A 100 6.05 -14.22 21.10
C GLY A 100 4.61 -14.08 20.63
N THR A 101 3.67 -14.27 21.53
CA THR A 101 2.27 -14.01 21.22
C THR A 101 1.72 -13.23 22.39
N ASP A 102 0.63 -12.50 22.15
CA ASP A 102 -0.05 -11.72 23.17
C ASP A 102 -1.43 -11.35 22.62
N LEU A 103 -2.22 -10.69 23.46
CA LEU A 103 -3.58 -10.30 23.14
C LEU A 103 -3.62 -8.94 22.42
N VAL A 104 -4.31 -8.91 21.30
CA VAL A 104 -4.29 -7.73 20.45
C VAL A 104 -5.70 -7.26 20.17
N SER A 105 -5.92 -5.97 20.34
CA SER A 105 -7.20 -5.36 20.01
C SER A 105 -6.98 -4.16 19.08
N ILE A 106 -8.01 -3.79 18.33
CA ILE A 106 -7.97 -2.59 17.51
C ILE A 106 -9.11 -1.70 17.98
N PRO A 107 -8.81 -0.65 18.76
CA PRO A 107 -9.84 0.20 19.38
C PRO A 107 -10.88 0.66 18.37
N HIS A 108 -10.45 1.20 17.22
CA HIS A 108 -11.39 1.71 16.19
C HIS A 108 -11.49 0.69 15.05
N GLY A 109 -11.75 -0.56 15.44
CA GLY A 109 -11.87 -1.67 14.53
C GLY A 109 -12.99 -2.52 15.07
N PRO A 110 -12.99 -3.83 14.76
CA PRO A 110 -14.10 -4.63 15.29
C PRO A 110 -13.97 -4.76 16.80
N ASN A 111 -15.04 -5.09 17.49
CA ASN A 111 -15.04 -5.18 18.93
C ASN A 111 -14.57 -6.55 19.41
N VAL A 112 -13.28 -6.84 19.21
CA VAL A 112 -12.73 -8.16 19.52
C VAL A 112 -11.30 -8.11 20.06
N THR A 113 -10.88 -9.19 20.70
CA THR A 113 -9.53 -9.39 21.19
C THR A 113 -9.05 -10.75 20.67
N VAL A 114 -7.80 -10.81 20.24
CA VAL A 114 -7.28 -12.04 19.64
C VAL A 114 -5.86 -12.29 20.15
N ARG A 115 -5.44 -13.55 20.14
CA ARG A 115 -4.07 -13.87 20.45
C ARG A 115 -3.26 -13.92 19.15
N ALA A 116 -2.34 -12.97 18.99
CA ALA A 116 -1.57 -12.94 17.75
C ALA A 116 -0.05 -13.06 17.95
N ASN A 117 0.64 -13.57 16.94
CA ASN A 117 2.07 -13.50 16.90
C ASN A 117 2.59 -12.05 16.94
N ILE A 118 3.62 -11.80 17.74
CA ILE A 118 4.24 -10.50 17.79
C ILE A 118 5.75 -10.73 17.72
N ALA A 119 6.39 -10.02 16.80
CA ALA A 119 7.83 -9.92 16.78
C ALA A 119 8.22 -8.64 17.54
N ALA A 120 8.86 -8.84 18.70
CA ALA A 120 9.32 -7.74 19.51
C ALA A 120 10.64 -7.24 18.92
N ILE A 121 10.63 -6.03 18.35
CA ILE A 121 11.80 -5.58 17.61
C ILE A 121 12.85 -5.07 18.58
N THR A 122 14.07 -5.61 18.51
CA THR A 122 15.08 -5.30 19.50
C THR A 122 16.28 -4.56 18.94
N GLU A 123 16.44 -4.61 17.62
CA GLU A 123 17.50 -3.92 16.88
C GLU A 123 16.97 -3.70 15.47
N SER A 124 17.23 -2.53 14.89
CA SER A 124 16.85 -2.27 13.52
C SER A 124 17.76 -1.23 12.91
N ASP A 125 17.79 -1.17 11.59
CA ASP A 125 18.54 -0.15 10.93
C ASP A 125 17.66 0.30 9.76
N LYS A 126 17.40 1.60 9.73
CA LYS A 126 16.66 2.25 8.65
C LYS A 126 15.26 1.67 8.55
N PHE A 127 14.75 1.18 9.67
CA PHE A 127 13.40 0.67 9.74
C PHE A 127 12.43 1.74 10.25
N PHE A 128 12.71 2.32 11.41
CA PHE A 128 11.85 3.40 11.92
C PHE A 128 12.20 4.68 11.22
N ILE A 129 11.20 5.54 11.07
CA ILE A 129 11.43 6.83 10.46
C ILE A 129 11.62 7.88 11.56
N ASN A 130 12.76 8.57 11.51
CA ASN A 130 13.01 9.72 12.38
C ASN A 130 12.00 10.80 12.08
N GLY A 131 11.14 11.09 13.04
CA GLY A 131 10.07 12.08 12.88
C GLY A 131 8.66 11.49 12.73
N SER A 132 8.51 10.16 12.66
CA SER A 132 7.17 9.58 12.46
C SER A 132 6.45 9.24 13.76
N ASN A 133 5.15 9.11 13.65
CA ASN A 133 4.32 8.79 14.79
C ASN A 133 3.85 7.32 14.84
N TRP A 134 4.63 6.40 14.26
CA TRP A 134 4.33 4.99 14.44
C TRP A 134 5.54 4.23 14.93
N GLU A 135 5.31 3.05 15.49
CA GLU A 135 6.39 2.34 16.17
C GLU A 135 6.33 0.82 15.95
N GLY A 136 5.53 0.41 14.98
CA GLY A 136 5.62 -0.94 14.46
C GLY A 136 4.83 -1.11 13.18
N ILE A 137 4.80 -2.33 12.69
CA ILE A 137 4.23 -2.60 11.38
C ILE A 137 3.23 -3.75 11.42
N LEU A 138 2.14 -3.61 10.69
CA LEU A 138 1.13 -4.66 10.60
C LEU A 138 1.17 -5.16 9.18
N GLY A 139 1.78 -6.32 8.97
CA GLY A 139 1.78 -6.94 7.65
C GLY A 139 0.48 -7.68 7.39
N LEU A 140 -0.22 -7.28 6.34
CA LEU A 140 -1.54 -7.83 6.05
C LEU A 140 -1.52 -8.85 4.93
N ALA A 141 -0.36 -9.18 4.40
CA ALA A 141 -0.27 -10.13 3.28
C ALA A 141 -0.23 -11.57 3.84
N TYR A 142 0.18 -12.55 3.05
CA TYR A 142 -0.12 -13.95 3.42
C TYR A 142 1.05 -14.69 4.03
N ALA A 143 0.75 -15.79 4.70
CA ALA A 143 1.76 -16.53 5.47
C ALA A 143 3.00 -16.84 4.66
N GLU A 144 2.85 -17.15 3.37
CA GLU A 144 4.01 -17.52 2.58
C GLU A 144 5.20 -16.56 2.66
N ILE A 145 4.96 -15.30 2.97
CA ILE A 145 6.11 -14.39 3.01
C ILE A 145 6.40 -13.91 4.42
N ALA A 146 5.80 -14.58 5.40
CA ALA A 146 6.07 -14.30 6.81
C ALA A 146 7.45 -14.78 7.17
N ARG A 147 8.15 -13.99 7.99
CA ARG A 147 9.44 -14.33 8.59
C ARG A 147 9.24 -14.91 9.99
N PRO A 148 9.96 -15.99 10.32
CA PRO A 148 10.97 -16.71 9.49
C PRO A 148 10.42 -17.67 8.42
N ASP A 149 9.14 -18.05 8.51
CA ASP A 149 8.53 -18.97 7.53
C ASP A 149 7.01 -18.98 7.68
N ASP A 150 6.32 -19.67 6.78
CA ASP A 150 4.85 -19.67 6.76
C ASP A 150 4.14 -20.38 7.92
N SER A 151 4.90 -20.93 8.87
CA SER A 151 4.29 -21.43 10.10
C SER A 151 3.91 -20.28 11.02
N LEU A 152 4.57 -19.13 10.88
CA LEU A 152 4.20 -17.92 11.63
C LEU A 152 2.95 -17.23 11.08
N GLU A 153 1.83 -17.55 11.70
CA GLU A 153 0.52 -17.10 11.31
C GLU A 153 0.42 -15.56 11.37
N PRO A 154 0.12 -14.91 10.21
CA PRO A 154 -0.02 -13.46 10.15
C PRO A 154 -1.21 -13.02 10.94
N PHE A 155 -1.19 -11.78 11.40
CA PHE A 155 -2.25 -11.25 12.25
C PHE A 155 -3.66 -11.47 11.72
N PHE A 156 -3.90 -11.12 10.45
CA PHE A 156 -5.25 -11.18 9.91
C PHE A 156 -5.77 -12.62 9.83
N ASP A 157 -4.86 -13.56 9.54
CA ASP A 157 -5.21 -14.95 9.65
C ASP A 157 -5.72 -15.33 11.05
N SER A 158 -5.03 -14.87 12.10
CA SER A 158 -5.46 -15.13 13.48
C SER A 158 -6.78 -14.49 13.80
N LEU A 159 -7.03 -13.33 13.22
CA LEU A 159 -8.26 -12.61 13.47
C LEU A 159 -9.47 -13.33 12.89
N VAL A 160 -9.33 -13.81 11.66
CA VAL A 160 -10.39 -14.55 10.99
C VAL A 160 -10.65 -15.91 11.69
N LYS A 161 -9.59 -16.67 12.00
CA LYS A 161 -9.70 -17.94 12.72
C LYS A 161 -10.36 -17.84 14.10
N GLN A 162 -10.11 -16.75 14.83
CA GLN A 162 -10.52 -16.69 16.23
C GLN A 162 -11.85 -16.01 16.45
N THR A 163 -12.38 -15.43 15.38
CA THR A 163 -13.60 -14.63 15.52
C THR A 163 -14.56 -14.86 14.36
N HIS A 164 -15.63 -14.08 14.33
CA HIS A 164 -16.61 -14.10 13.24
C HIS A 164 -16.47 -12.89 12.35
N VAL A 165 -15.31 -12.23 12.43
CA VAL A 165 -14.96 -11.14 11.51
C VAL A 165 -14.75 -11.76 10.13
N PRO A 166 -15.51 -11.30 9.11
CA PRO A 166 -15.39 -11.81 7.74
C PRO A 166 -13.99 -11.64 7.17
N ASN A 167 -13.58 -12.61 6.34
CA ASN A 167 -12.26 -12.62 5.75
C ASN A 167 -12.03 -11.60 4.62
N LEU A 168 -12.14 -10.31 4.97
CA LEU A 168 -11.75 -9.25 4.08
C LEU A 168 -11.54 -7.94 4.87
N PHE A 169 -10.76 -7.02 4.30
CA PHE A 169 -10.67 -5.65 4.78
C PHE A 169 -10.54 -4.73 3.56
N SER A 170 -10.90 -3.47 3.74
CA SER A 170 -10.73 -2.49 2.69
C SER A 170 -9.94 -1.26 3.21
N LEU A 171 -9.23 -0.62 2.28
CA LEU A 171 -8.42 0.54 2.60
C LEU A 171 -8.76 1.76 1.76
N GLN A 172 -9.10 2.85 2.44
CA GLN A 172 -9.16 4.15 1.77
C GLN A 172 -8.01 5.02 2.29
N LEU A 173 -7.01 5.24 1.45
CA LEU A 173 -5.90 6.12 1.76
C LEU A 173 -6.08 7.48 1.07
N CYS A 174 -6.22 8.55 1.85
CA CYS A 174 -6.50 9.87 1.31
C CYS A 174 -5.25 10.73 1.21
N GLY A 175 -4.86 11.34 2.31
CA GLY A 175 -3.91 12.43 2.18
C GLY A 175 -4.30 13.40 1.08
N SER A 188 -0.04 16.07 6.49
CA SER A 188 -0.94 15.30 7.35
C SER A 188 -2.09 14.55 6.63
N VAL A 189 -2.01 13.21 6.64
CA VAL A 189 -2.91 12.37 5.84
C VAL A 189 -3.90 11.62 6.75
N GLY A 190 -4.93 11.03 6.15
CA GLY A 190 -5.88 10.22 6.89
C GLY A 190 -6.46 9.17 5.97
N GLY A 191 -7.45 8.43 6.47
CA GLY A 191 -8.13 7.46 5.66
C GLY A 191 -8.85 6.50 6.55
N SER A 192 -9.25 5.36 6.01
CA SER A 192 -9.98 4.35 6.75
C SER A 192 -9.47 2.94 6.45
N MET A 193 -9.38 2.09 7.49
CA MET A 193 -9.26 0.67 7.27
C MET A 193 -10.52 -0.04 7.80
N ILE A 194 -11.41 -0.44 6.89
CA ILE A 194 -12.63 -1.17 7.26
C ILE A 194 -12.30 -2.67 7.40
N ILE A 195 -12.26 -3.16 8.64
CA ILE A 195 -11.88 -4.57 8.92
C ILE A 195 -13.17 -5.39 8.99
N GLY A 196 -13.30 -6.34 8.07
CA GLY A 196 -14.48 -7.17 8.02
C GLY A 196 -15.53 -6.79 7.00
N GLY A 197 -15.28 -5.74 6.22
CA GLY A 197 -16.29 -5.29 5.29
C GLY A 197 -15.95 -4.08 4.46
N ILE A 198 -17.00 -3.52 3.88
CA ILE A 198 -16.90 -2.45 2.89
C ILE A 198 -17.83 -1.34 3.34
N ASP A 199 -17.37 -0.10 3.32
CA ASP A 199 -18.25 1.04 3.58
C ASP A 199 -18.50 1.80 2.26
N HIS A 200 -19.77 1.80 1.81
CA HIS A 200 -20.14 2.29 0.46
C HIS A 200 -20.11 3.80 0.28
N SER A 201 -19.92 4.52 1.37
CA SER A 201 -19.79 5.96 1.28
C SER A 201 -18.34 6.36 0.96
N LEU A 202 -17.41 5.42 1.05
CA LEU A 202 -16.00 5.74 0.80
C LEU A 202 -15.65 5.75 -0.67
N TYR A 203 -16.59 5.29 -1.51
CA TYR A 203 -16.36 5.28 -2.93
C TYR A 203 -17.58 5.69 -3.74
N THR A 204 -17.30 6.15 -4.95
CA THR A 204 -18.32 6.44 -5.95
C THR A 204 -18.22 5.42 -7.09
N GLY A 205 -19.32 5.31 -7.85
CA GLY A 205 -19.46 4.33 -8.92
C GLY A 205 -19.45 2.93 -8.36
N SER A 206 -18.88 1.99 -9.13
CA SER A 206 -18.86 0.60 -8.73
C SER A 206 -17.45 0.05 -8.46
N LEU A 207 -17.41 -1.05 -7.70
CA LEU A 207 -16.19 -1.80 -7.49
C LEU A 207 -15.95 -2.73 -8.70
N TRP A 208 -14.70 -2.80 -9.15
CA TRP A 208 -14.26 -3.79 -10.12
C TRP A 208 -13.20 -4.64 -9.44
N TYR A 209 -13.25 -5.94 -9.72
CA TYR A 209 -12.40 -6.89 -9.05
C TYR A 209 -11.43 -7.50 -10.01
N THR A 210 -10.19 -7.65 -9.55
CA THR A 210 -9.13 -8.34 -10.21
C THR A 210 -8.82 -9.57 -9.32
N PRO A 211 -8.48 -10.74 -9.92
CA PRO A 211 -8.17 -11.88 -9.04
C PRO A 211 -6.80 -11.73 -8.42
N ILE A 212 -6.66 -12.26 -7.21
CA ILE A 212 -5.37 -12.45 -6.56
C ILE A 212 -4.74 -13.67 -7.20
N ARG A 213 -3.59 -13.50 -7.84
CA ARG A 213 -3.03 -14.57 -8.64
C ARG A 213 -2.49 -15.66 -7.76
N ARG A 214 -1.81 -15.28 -6.69
CA ARG A 214 -1.29 -16.22 -5.73
C ARG A 214 -1.30 -15.54 -4.38
N GLU A 215 -1.70 -16.28 -3.37
CA GLU A 215 -1.76 -15.77 -2.03
C GLU A 215 -0.38 -15.84 -1.39
N TRP A 216 0.42 -14.79 -1.64
CA TRP A 216 1.65 -14.52 -0.92
C TRP A 216 1.74 -13.01 -0.60
N TYR A 217 2.23 -12.21 -1.55
CA TYR A 217 1.89 -10.79 -1.66
C TYR A 217 0.46 -10.73 -2.15
N TYR A 218 -0.10 -9.54 -2.26
CA TYR A 218 -1.32 -9.43 -3.00
C TYR A 218 -0.97 -9.29 -4.48
N GLU A 219 -0.66 -10.43 -5.12
CA GLU A 219 -0.27 -10.41 -6.53
C GLU A 219 -1.44 -10.30 -7.50
N VAL A 220 -1.32 -9.41 -8.48
CA VAL A 220 -2.33 -9.20 -9.50
C VAL A 220 -1.63 -9.23 -10.86
N ILE A 221 -2.40 -9.15 -11.93
CA ILE A 221 -1.82 -9.14 -13.26
C ILE A 221 -2.31 -7.91 -14.00
N ILE A 222 -1.37 -7.09 -14.49
CA ILE A 222 -1.66 -5.93 -15.34
C ILE A 222 -1.63 -6.40 -16.80
N VAL A 223 -2.63 -6.03 -17.58
CA VAL A 223 -2.75 -6.55 -18.93
C VAL A 223 -2.50 -5.55 -20.02
N ARG A 224 -2.40 -4.26 -19.65
CA ARG A 224 -2.26 -3.19 -20.61
C ARG A 224 -1.99 -1.88 -19.87
N VAL A 225 -1.15 -1.03 -20.46
CA VAL A 225 -0.81 0.26 -19.89
C VAL A 225 -0.98 1.38 -20.90
N GLU A 226 -1.67 2.45 -20.49
CA GLU A 226 -1.89 3.62 -21.34
C GLU A 226 -1.41 4.91 -20.66
N ILE A 227 -0.75 5.75 -21.46
CA ILE A 227 -0.45 7.11 -21.05
C ILE A 227 -1.34 8.04 -21.87
N ASN A 228 -2.27 8.70 -21.21
CA ASN A 228 -3.20 9.60 -21.89
C ASN A 228 -3.94 8.93 -23.05
N GLY A 229 -4.55 7.76 -22.80
CA GLY A 229 -5.16 6.97 -23.86
C GLY A 229 -4.23 6.18 -24.78
N GLN A 230 -2.96 6.57 -24.90
CA GLN A 230 -2.04 5.88 -25.79
C GLN A 230 -1.39 4.62 -25.19
N ASP A 231 -1.64 3.49 -25.81
CA ASP A 231 -1.08 2.22 -25.39
C ASP A 231 0.45 2.29 -25.43
N LEU A 232 1.10 1.55 -24.55
CA LEU A 232 2.56 1.40 -24.58
C LEU A 232 3.00 0.27 -25.50
N LYS A 233 2.05 -0.61 -25.84
CA LYS A 233 2.24 -1.68 -26.85
C LYS A 233 3.39 -2.62 -26.55
N MET A 234 3.68 -2.82 -25.26
CA MET A 234 4.73 -3.76 -24.84
C MET A 234 4.18 -5.18 -24.70
N ASP A 235 5.04 -6.18 -24.79
CA ASP A 235 4.65 -7.50 -24.38
C ASP A 235 4.11 -7.36 -22.95
N CYS A 236 2.83 -7.66 -22.74
CA CYS A 236 2.22 -7.45 -21.42
C CYS A 236 2.87 -8.24 -20.25
N LYS A 237 3.77 -9.16 -20.56
CA LYS A 237 4.52 -9.92 -19.54
C LYS A 237 5.56 -9.03 -18.84
N GLU A 238 5.99 -8.01 -19.58
CA GLU A 238 6.92 -7.03 -19.08
C GLU A 238 6.32 -6.21 -17.95
N TYR A 239 5.01 -5.98 -18.02
CA TYR A 239 4.26 -5.30 -16.96
C TYR A 239 4.23 -6.08 -15.66
N ASN A 240 4.53 -7.37 -15.71
CA ASN A 240 4.47 -8.22 -14.50
C ASN A 240 5.75 -9.00 -14.24
N TYR A 241 6.87 -8.38 -14.57
CA TYR A 241 8.16 -8.99 -14.47
C TYR A 241 8.90 -8.39 -13.27
N ASP A 242 9.03 -9.16 -12.18
CA ASP A 242 8.67 -10.58 -12.15
C ASP A 242 7.33 -10.80 -11.46
N LYS A 243 6.64 -9.72 -11.10
CA LYS A 243 5.33 -9.80 -10.46
C LYS A 243 4.76 -8.39 -10.33
N SER A 244 3.45 -8.28 -10.05
CA SER A 244 2.86 -7.00 -9.73
C SER A 244 2.07 -7.14 -8.43
N ILE A 245 2.18 -6.11 -7.58
CA ILE A 245 1.57 -6.19 -6.25
C ILE A 245 0.84 -4.89 -5.80
N VAL A 246 -0.10 -5.04 -4.87
CA VAL A 246 -0.78 -3.89 -4.25
C VAL A 246 -0.20 -3.80 -2.84
N ASP A 247 0.42 -2.64 -2.53
CA ASP A 247 1.34 -2.50 -1.35
C ASP A 247 1.23 -1.10 -0.71
N SER A 248 0.48 -1.02 0.39
CA SER A 248 0.27 0.25 1.08
C SER A 248 1.51 0.68 1.88
N GLY A 249 2.52 -0.18 1.92
CA GLY A 249 3.77 0.08 2.62
C GLY A 249 4.85 0.62 1.69
N THR A 250 4.44 1.03 0.49
CA THR A 250 5.34 1.68 -0.49
C THR A 250 4.68 2.96 -0.95
N THR A 251 5.45 4.05 -1.01
CA THR A 251 4.93 5.32 -1.52
C THR A 251 4.70 5.30 -3.05
N ASN A 252 5.71 4.93 -3.82
CA ASN A 252 5.68 5.15 -5.27
C ASN A 252 4.82 4.15 -6.02
N LEU A 253 4.44 4.50 -7.24
CA LEU A 253 4.16 3.47 -8.26
C LEU A 253 5.50 3.02 -8.81
N ARG A 254 5.86 1.77 -8.59
CA ARG A 254 7.13 1.27 -9.09
C ARG A 254 6.87 0.40 -10.30
N LEU A 255 7.72 0.53 -11.31
CA LEU A 255 7.55 -0.15 -12.59
C LEU A 255 8.81 -0.92 -12.95
N PRO A 256 8.66 -2.10 -13.58
CA PRO A 256 9.89 -2.78 -14.07
C PRO A 256 10.67 -1.82 -14.97
N LYS A 257 11.99 -1.98 -14.98
CA LYS A 257 12.87 -1.04 -15.70
C LYS A 257 12.45 -0.79 -17.16
N LYS A 258 12.19 -1.85 -17.94
CA LYS A 258 11.78 -1.65 -19.35
C LYS A 258 10.49 -0.85 -19.48
N VAL A 259 9.51 -1.19 -18.65
CA VAL A 259 8.22 -0.48 -18.62
C VAL A 259 8.39 0.97 -18.20
N PHE A 260 9.20 1.20 -17.16
CA PHE A 260 9.51 2.57 -16.69
C PHE A 260 10.09 3.43 -17.81
N GLU A 261 11.05 2.87 -18.55
CA GLU A 261 11.68 3.55 -19.68
C GLU A 261 10.65 4.01 -20.69
N ALA A 262 9.74 3.10 -21.07
CA ALA A 262 8.77 3.42 -22.12
C ALA A 262 7.76 4.45 -21.63
N ALA A 263 7.30 4.29 -20.38
CA ALA A 263 6.35 5.23 -19.76
C ALA A 263 6.88 6.64 -19.67
N VAL A 264 8.12 6.79 -19.20
CA VAL A 264 8.72 8.12 -19.08
C VAL A 264 8.84 8.78 -20.46
N LYS A 265 9.43 8.06 -21.42
CA LYS A 265 9.53 8.51 -22.80
C LYS A 265 8.16 8.99 -23.31
N SER A 266 7.09 8.30 -22.93
CA SER A 266 5.73 8.68 -23.32
C SER A 266 5.13 9.84 -22.48
N ILE A 267 5.40 9.86 -21.17
CA ILE A 267 5.03 11.00 -20.32
C ILE A 267 5.77 12.28 -20.78
N LYS A 268 7.04 12.13 -21.15
CA LYS A 268 7.83 13.25 -21.70
C LYS A 268 7.18 13.83 -22.94
N ALA A 269 6.93 12.96 -23.94
CA ALA A 269 6.24 13.36 -25.16
C ALA A 269 4.92 14.12 -24.91
N ALA A 270 4.08 13.62 -24.01
CA ALA A 270 2.77 14.25 -23.78
C ALA A 270 2.85 15.59 -23.05
N SER A 271 3.86 15.75 -22.18
CA SER A 271 4.04 17.01 -21.43
C SER A 271 5.06 17.96 -22.08
N SER A 272 5.06 18.00 -23.42
CA SER A 272 6.01 18.78 -24.24
C SER A 272 6.04 20.29 -23.91
N THR A 273 4.87 20.88 -23.63
CA THR A 273 4.76 22.29 -23.20
C THR A 273 5.98 22.80 -22.40
N GLU A 274 6.34 22.08 -21.33
CA GLU A 274 7.57 22.33 -20.58
C GLU A 274 8.56 21.16 -20.69
N LYS A 275 9.86 21.47 -20.73
CA LYS A 275 10.92 20.46 -20.66
C LYS A 275 11.48 20.40 -19.22
N PHE A 276 12.11 19.26 -18.86
CA PHE A 276 12.64 19.03 -17.51
C PHE A 276 13.93 18.21 -17.60
N PRO A 277 14.81 18.30 -16.57
CA PRO A 277 16.07 17.53 -16.58
C PRO A 277 15.88 16.03 -16.36
N ASP A 278 16.83 15.22 -16.83
CA ASP A 278 16.81 13.76 -16.66
C ASP A 278 16.74 13.32 -15.20
N GLY A 279 17.36 14.12 -14.32
CA GLY A 279 17.39 13.87 -12.88
C GLY A 279 16.01 13.89 -12.23
N PHE A 280 15.10 14.68 -12.77
CA PHE A 280 13.72 14.75 -12.26
C PHE A 280 12.96 13.42 -12.45
N TRP A 281 12.94 12.93 -13.70
CA TRP A 281 12.31 11.67 -14.04
C TRP A 281 12.85 10.50 -13.23
N LEU A 282 14.09 10.65 -12.77
CA LEU A 282 14.78 9.60 -12.03
C LEU A 282 14.57 9.74 -10.53
N GLY A 283 13.84 10.78 -10.13
CA GLY A 283 13.65 11.12 -8.72
C GLY A 283 14.95 11.52 -8.04
N GLU A 284 15.76 12.32 -8.74
CA GLU A 284 17.08 12.78 -8.28
C GLU A 284 17.12 14.30 -8.05
N GLN A 285 16.10 15.00 -8.54
CA GLN A 285 15.88 16.42 -8.31
C GLN A 285 14.38 16.62 -8.20
N LEU A 286 13.99 17.77 -7.69
CA LEU A 286 12.60 18.17 -7.67
C LEU A 286 12.42 19.22 -8.75
N VAL A 287 11.19 19.69 -8.92
CA VAL A 287 10.91 20.77 -9.85
C VAL A 287 9.77 21.60 -9.24
N CYS A 288 9.88 22.93 -9.35
CA CYS A 288 9.01 23.82 -8.57
C CYS A 288 8.25 24.86 -9.42
N TRP A 289 7.11 25.31 -8.88
CA TRP A 289 6.27 26.35 -9.44
C TRP A 289 5.79 27.26 -8.31
N GLN A 290 5.40 28.49 -8.63
CA GLN A 290 4.80 29.41 -7.65
C GLN A 290 3.46 28.86 -7.14
N ALA A 291 2.99 29.41 -6.01
CA ALA A 291 1.83 28.91 -5.26
C ALA A 291 0.62 28.48 -6.10
N THR A 293 0.35 27.87 -8.74
CA THR A 293 0.42 27.80 -10.19
C THR A 293 1.04 26.46 -10.64
N THR A 294 0.30 25.37 -10.41
CA THR A 294 0.67 24.09 -11.01
C THR A 294 -0.26 23.83 -12.18
N PRO A 295 0.33 23.55 -13.36
CA PRO A 295 -0.44 23.20 -14.52
C PRO A 295 -0.54 21.68 -14.64
N TRP A 296 -1.30 21.06 -13.74
CA TRP A 296 -1.57 19.62 -13.78
C TRP A 296 -2.04 19.24 -15.19
N ASN A 297 -2.84 20.12 -15.80
CA ASN A 297 -3.35 19.95 -17.18
C ASN A 297 -2.28 19.65 -18.24
N ILE A 298 -1.04 20.07 -18.01
CA ILE A 298 0.09 19.76 -18.92
C ILE A 298 0.64 18.31 -18.77
N PHE A 299 0.12 17.57 -17.80
CA PHE A 299 0.57 16.23 -17.45
C PHE A 299 -0.51 15.18 -17.75
N PRO A 300 -0.10 14.00 -18.27
CA PRO A 300 -1.05 12.99 -18.72
C PRO A 300 -1.63 12.14 -17.59
N VAL A 301 -2.78 11.53 -17.86
CA VAL A 301 -3.32 10.46 -17.03
C VAL A 301 -2.57 9.15 -17.33
N ILE A 302 -2.51 8.27 -16.34
CA ILE A 302 -1.92 6.94 -16.47
C ILE A 302 -3.00 5.91 -16.11
N SER A 303 -3.18 4.95 -17.01
CA SER A 303 -4.18 3.90 -16.88
C SER A 303 -3.54 2.54 -16.82
N LEU A 304 -3.99 1.76 -15.86
CA LEU A 304 -3.55 0.38 -15.77
C LEU A 304 -4.76 -0.46 -16.04
N TYR A 305 -4.66 -1.40 -16.98
CA TYR A 305 -5.74 -2.35 -17.17
C TYR A 305 -5.39 -3.56 -16.35
N LEU A 306 -6.36 -4.08 -15.61
CA LEU A 306 -6.13 -5.27 -14.79
C LEU A 306 -6.99 -6.38 -15.29
N MET A 307 -6.49 -7.62 -15.16
CA MET A 307 -7.27 -8.82 -15.38
C MET A 307 -8.60 -8.72 -14.62
N GLY A 308 -9.70 -9.03 -15.30
CA GLY A 308 -11.02 -9.04 -14.67
C GLY A 308 -11.44 -10.40 -14.16
N GLU A 309 -12.65 -10.49 -13.62
CA GLU A 309 -13.14 -11.73 -13.02
C GLU A 309 -13.43 -12.77 -14.08
N VAL A 310 -13.76 -12.34 -15.27
CA VAL A 310 -14.28 -13.21 -16.31
C VAL A 310 -13.26 -13.40 -17.46
N THR A 311 -13.24 -14.60 -18.04
CA THR A 311 -12.39 -14.87 -19.19
C THR A 311 -12.46 -13.74 -20.24
N ASN A 312 -11.30 -13.28 -20.68
CA ASN A 312 -11.17 -12.23 -21.71
C ASN A 312 -11.71 -10.85 -21.32
N GLN A 313 -12.02 -10.63 -20.04
CA GLN A 313 -12.53 -9.34 -19.59
C GLN A 313 -11.55 -8.62 -18.64
N SER A 314 -11.30 -7.34 -18.91
CA SER A 314 -10.43 -6.52 -18.07
C SER A 314 -11.17 -5.26 -17.69
N PHE A 315 -10.51 -4.41 -16.90
CA PHE A 315 -11.02 -3.10 -16.56
C PHE A 315 -9.84 -2.19 -16.37
N ARG A 316 -10.05 -0.89 -16.35
CA ARG A 316 -8.94 0.01 -16.19
C ARG A 316 -9.07 0.98 -15.02
N ILE A 317 -7.95 1.23 -14.38
CA ILE A 317 -7.87 2.29 -13.40
C ILE A 317 -7.03 3.41 -13.97
N THR A 318 -7.46 4.64 -13.72
CA THR A 318 -6.78 5.81 -14.24
C THR A 318 -6.41 6.75 -13.09
N ILE A 319 -5.12 7.09 -12.99
CA ILE A 319 -4.69 8.09 -12.01
C ILE A 319 -4.22 9.40 -12.64
N LEU A 320 -4.40 10.48 -11.89
CA LEU A 320 -4.01 11.83 -12.32
C LEU A 320 -2.57 12.15 -11.90
N PRO A 321 -2.01 13.24 -12.44
CA PRO A 321 -0.74 13.78 -11.96
C PRO A 321 -0.82 14.17 -10.49
N GLN A 322 -2.01 14.43 -9.99
CA GLN A 322 -2.17 14.69 -8.56
C GLN A 322 -1.75 13.49 -7.68
N GLN A 323 -1.68 12.28 -8.27
CA GLN A 323 -1.24 11.10 -7.54
C GLN A 323 0.25 10.84 -7.72
N TYR A 324 0.77 11.10 -8.92
CA TYR A 324 2.17 10.76 -9.18
C TYR A 324 3.22 11.87 -9.05
N LEU A 325 2.75 13.11 -8.89
CA LEU A 325 3.58 14.27 -8.60
C LEU A 325 3.39 14.69 -7.15
N ARG A 326 4.32 14.35 -6.27
CA ARG A 326 4.08 14.49 -4.83
C ARG A 326 4.73 15.73 -4.24
N PRO A 327 3.92 16.60 -3.59
CA PRO A 327 4.45 17.82 -2.98
C PRO A 327 5.54 17.45 -1.98
N VAL A 328 6.72 18.05 -2.10
CA VAL A 328 7.74 17.83 -1.10
C VAL A 328 7.67 19.04 -0.17
N GLU A 329 6.96 18.85 0.94
CA GLU A 329 6.72 19.91 1.91
C GLU A 329 7.98 20.34 2.69
N ASP A 330 9.04 19.53 2.70
CA ASP A 330 10.19 19.80 3.58
C ASP A 330 11.43 20.46 2.97
N VAL A 331 11.27 21.17 1.84
CA VAL A 331 12.43 21.78 1.15
C VAL A 331 12.85 23.13 1.74
N ALA A 332 13.80 23.07 2.69
CA ALA A 332 14.30 24.25 3.46
C ALA A 332 15.06 25.27 2.61
N THR A 333 15.72 24.79 1.55
CA THR A 333 16.55 25.62 0.68
C THR A 333 15.76 26.28 -0.48
N SER A 334 14.43 26.30 -0.35
CA SER A 334 13.52 26.91 -1.32
C SER A 334 12.23 27.37 -0.62
N ASP A 337 7.10 25.73 -4.14
CA ASP A 337 6.30 24.51 -4.24
C ASP A 337 6.95 23.52 -5.14
N CYS A 338 7.70 22.61 -4.52
CA CYS A 338 8.42 21.60 -5.27
C CYS A 338 7.70 20.25 -5.23
N TYR A 339 8.02 19.41 -6.21
CA TYR A 339 7.35 18.15 -6.42
C TYR A 339 8.35 17.05 -6.76
N LYS A 340 8.12 15.87 -6.22
CA LYS A 340 8.89 14.69 -6.58
C LYS A 340 8.08 13.86 -7.59
N PHE A 341 8.75 13.43 -8.66
CA PHE A 341 8.17 12.47 -9.58
C PHE A 341 8.13 11.13 -8.86
N ALA A 342 6.93 10.66 -8.55
CA ALA A 342 6.79 9.46 -7.73
C ALA A 342 6.49 8.17 -8.53
N ILE A 343 7.01 8.10 -9.76
CA ILE A 343 7.03 6.82 -10.47
C ILE A 343 8.50 6.46 -10.58
N SER A 344 8.86 5.22 -10.24
CA SER A 344 10.26 4.83 -10.26
C SER A 344 10.56 3.42 -10.81
N GLN A 345 11.84 3.15 -11.05
CA GLN A 345 12.31 1.88 -11.61
C GLN A 345 12.27 0.79 -10.59
N SER A 346 11.89 -0.42 -11.00
CA SER A 346 11.94 -1.55 -10.08
C SER A 346 12.66 -2.75 -10.68
N SER A 347 13.22 -3.57 -9.82
CA SER A 347 13.80 -4.83 -10.24
C SER A 347 13.08 -5.84 -9.42
N THR A 348 11.96 -5.41 -8.86
CA THR A 348 11.18 -6.35 -8.08
C THR A 348 9.75 -6.53 -8.61
N GLY A 349 9.51 -6.02 -9.81
CA GLY A 349 8.19 -6.00 -10.43
C GLY A 349 7.44 -4.70 -10.16
N THR A 350 6.19 -4.65 -10.61
CA THR A 350 5.35 -3.52 -10.36
C THR A 350 4.90 -3.53 -8.89
N VAL A 351 4.90 -2.35 -8.28
CA VAL A 351 4.37 -2.14 -6.94
C VAL A 351 3.39 -0.99 -7.05
N MET A 352 2.11 -1.30 -6.81
CA MET A 352 1.08 -0.29 -6.75
C MET A 352 1.03 0.18 -5.32
N GLY A 353 1.81 1.21 -5.05
CA GLY A 353 1.93 1.75 -3.71
C GLY A 353 0.95 2.86 -3.49
N ALA A 354 1.31 3.83 -2.64
CA ALA A 354 0.35 4.86 -2.25
C ALA A 354 -0.07 5.72 -3.45
N VAL A 355 0.83 5.88 -4.42
CA VAL A 355 0.52 6.68 -5.61
C VAL A 355 -0.75 6.13 -6.24
N ILE A 356 -0.84 4.82 -6.42
CA ILE A 356 -2.05 4.19 -6.93
C ILE A 356 -3.19 4.20 -5.92
N MET A 357 -2.92 3.75 -4.70
CA MET A 357 -4.01 3.54 -3.75
C MET A 357 -4.68 4.81 -3.26
N GLU A 358 -4.04 5.96 -3.40
CA GLU A 358 -4.71 7.20 -3.00
C GLU A 358 -5.78 7.65 -3.99
N GLY A 359 -5.81 7.05 -5.17
CA GLY A 359 -6.90 7.30 -6.11
C GLY A 359 -8.13 6.48 -5.84
N PHE A 360 -8.00 5.40 -5.04
CA PHE A 360 -9.04 4.36 -5.01
C PHE A 360 -9.39 3.84 -3.63
N TYR A 361 -10.62 3.38 -3.50
CA TYR A 361 -11.03 2.52 -2.42
C TYR A 361 -10.67 1.10 -2.83
N VAL A 362 -9.86 0.43 -2.02
CA VAL A 362 -9.29 -0.84 -2.44
C VAL A 362 -9.79 -1.94 -1.51
N VAL A 363 -10.46 -2.95 -2.09
CA VAL A 363 -11.06 -4.01 -1.29
C VAL A 363 -10.24 -5.29 -1.40
N PHE A 364 -9.72 -5.74 -0.28
CA PHE A 364 -8.88 -6.92 -0.25
C PHE A 364 -9.77 -8.07 0.14
N ASP A 365 -10.34 -8.71 -0.86
CA ASP A 365 -11.38 -9.68 -0.65
C ASP A 365 -10.75 -11.06 -0.61
N ARG A 366 -10.17 -11.38 0.55
CA ARG A 366 -9.43 -12.62 0.80
C ARG A 366 -10.33 -13.87 0.67
N ALA A 367 -11.56 -13.79 1.17
CA ALA A 367 -12.55 -14.87 0.97
C ALA A 367 -12.68 -15.30 -0.50
N ARG A 368 -12.78 -14.34 -1.42
CA ARG A 368 -12.94 -14.70 -2.83
C ARG A 368 -11.67 -14.52 -3.68
N LYS A 369 -10.49 -14.51 -3.04
CA LYS A 369 -9.21 -14.36 -3.76
C LYS A 369 -9.24 -13.20 -4.76
N ARG A 370 -9.74 -12.04 -4.36
CA ARG A 370 -9.87 -10.93 -5.33
C ARG A 370 -9.68 -9.57 -4.71
N ILE A 371 -9.30 -8.61 -5.53
CA ILE A 371 -9.07 -7.24 -5.05
C ILE A 371 -9.91 -6.28 -5.84
N GLY A 372 -10.70 -5.48 -5.13
CA GLY A 372 -11.61 -4.54 -5.76
C GLY A 372 -11.12 -3.09 -5.73
N PHE A 373 -11.40 -2.37 -6.81
CA PHE A 373 -11.05 -0.97 -6.97
C PHE A 373 -12.30 -0.17 -7.29
N ALA A 374 -12.49 0.94 -6.59
CA ALA A 374 -13.55 1.91 -6.92
C ALA A 374 -12.97 3.29 -6.73
N VAL A 375 -13.51 4.28 -7.45
CA VAL A 375 -13.10 5.66 -7.29
C VAL A 375 -13.29 6.11 -5.84
N SER A 376 -12.20 6.56 -5.24
CA SER A 376 -12.22 6.98 -3.84
C SER A 376 -12.94 8.31 -3.67
N ALA A 377 -13.85 8.38 -2.68
CA ALA A 377 -14.59 9.62 -2.38
C ALA A 377 -13.69 10.75 -1.85
N CYS A 378 -12.43 10.45 -1.54
CA CYS A 378 -11.52 11.47 -1.01
C CYS A 378 -10.29 11.72 -1.87
N HIS A 379 -10.24 11.22 -3.09
CA HIS A 379 -9.00 11.43 -3.87
C HIS A 379 -8.87 12.88 -4.39
N VAL A 380 -7.64 13.36 -4.47
CA VAL A 380 -7.42 14.73 -4.89
C VAL A 380 -7.44 14.82 -6.41
N HIS A 381 -8.31 15.69 -6.91
CA HIS A 381 -8.47 15.93 -8.34
C HIS A 381 -8.79 17.41 -8.55
N ASP A 382 -9.02 17.82 -9.80
CA ASP A 382 -9.44 19.18 -10.09
C ASP A 382 -10.82 19.22 -10.74
N GLU A 383 -11.16 20.35 -11.39
CA GLU A 383 -12.45 20.47 -12.09
C GLU A 383 -12.41 19.87 -13.49
N PHE A 384 -11.20 19.63 -14.00
CA PHE A 384 -11.06 19.14 -15.37
C PHE A 384 -11.08 17.60 -15.48
N ARG A 385 -10.58 16.91 -14.46
CA ARG A 385 -10.31 15.47 -14.53
C ARG A 385 -10.46 14.77 -13.19
N THR A 386 -10.78 13.48 -13.24
CA THR A 386 -11.02 12.64 -12.08
C THR A 386 -10.25 11.33 -12.21
N ALA A 387 -9.97 10.67 -11.08
CA ALA A 387 -9.48 9.31 -11.12
C ALA A 387 -10.69 8.47 -11.52
N ALA A 388 -10.48 7.34 -12.17
CA ALA A 388 -11.59 6.58 -12.73
C ALA A 388 -11.37 5.09 -12.70
N VAL A 389 -12.45 4.34 -12.53
CA VAL A 389 -12.41 2.89 -12.68
C VAL A 389 -13.50 2.52 -13.68
N GLU A 390 -13.09 2.04 -14.84
CA GLU A 390 -14.04 1.78 -15.92
C GLU A 390 -13.91 0.40 -16.54
N GLY A 391 -15.05 -0.14 -16.95
CA GLY A 391 -15.09 -1.40 -17.68
C GLY A 391 -16.51 -1.70 -18.18
N PRO A 392 -16.70 -2.88 -18.78
CA PRO A 392 -15.63 -3.87 -19.01
C PRO A 392 -14.95 -3.68 -20.35
N PHE A 393 -13.75 -4.20 -20.49
CA PHE A 393 -13.06 -4.17 -21.76
C PHE A 393 -12.76 -5.60 -22.12
N VAL A 394 -12.56 -5.83 -23.41
CA VAL A 394 -12.19 -7.13 -23.89
C VAL A 394 -10.68 -7.15 -24.17
N THR A 395 -10.00 -8.09 -23.52
CA THR A 395 -8.55 -8.25 -23.63
C THR A 395 -8.28 -9.72 -23.67
N LEU A 396 -7.49 -10.12 -24.66
CA LEU A 396 -7.22 -11.53 -24.95
C LEU A 396 -5.85 -11.92 -24.43
N ASP A 397 -5.68 -13.20 -24.11
CA ASP A 397 -4.41 -13.77 -23.64
C ASP A 397 -3.95 -13.17 -22.31
N MET A 398 -4.89 -12.76 -21.47
CA MET A 398 -4.53 -12.06 -20.23
C MET A 398 -3.64 -12.90 -19.33
N GLU A 399 -3.91 -14.22 -19.31
CA GLU A 399 -3.06 -15.22 -18.61
C GLU A 399 -1.60 -15.15 -19.05
N ASP A 400 -1.33 -14.89 -20.33
CA ASP A 400 0.05 -14.74 -20.89
C ASP A 400 0.88 -13.61 -20.24
N CYS A 401 0.22 -12.67 -19.55
CA CYS A 401 0.88 -11.51 -18.95
C CYS A 401 1.58 -11.87 -17.63
N GLY A 402 1.19 -12.99 -17.03
CA GLY A 402 1.83 -13.46 -15.80
C GLY A 402 3.19 -14.08 -16.05
N TYR A 403 4.13 -13.84 -15.13
CA TYR A 403 5.47 -14.36 -15.24
C TYR A 403 5.57 -15.60 -14.39
N ASN A 404 6.37 -16.58 -14.83
CA ASN A 404 6.55 -17.86 -14.08
C ASN A 404 8.00 -18.19 -13.76
C13 7H3 B . 4.19 5.44 2.78
C18 7H3 B . 9.71 -3.43 3.55
C17 7H3 B . 8.41 -3.22 4.34
C19 7H3 B . 9.67 -4.94 3.32
C20 7H3 B . 9.15 -5.41 4.69
C22 7H3 B . 9.80 -2.66 2.23
C24 7H3 B . 6.91 -2.89 2.47
C11 7H3 B . 4.72 3.22 3.65
C12 7H3 B . 3.84 4.09 2.99
C1 7H3 B . 8.54 0.69 6.35
C2 7H3 B . 9.32 -0.39 6.81
C3 7H3 B . 9.27 -1.64 6.16
C4 7H3 B . 8.44 -1.85 5.04
C5 7H3 B . 7.70 -0.77 4.60
C6 7H3 B . 7.72 0.50 5.22
N7 7H3 B . 6.94 1.47 4.70
C8 7H3 B . 6.91 2.81 4.83
O9 7H3 B . 7.68 3.38 5.60
C10 7H3 B . 5.95 3.68 4.11
C14 7H3 B . 5.44 5.84 3.27
N15 7H3 B . 6.28 4.96 3.89
BR16 7H3 B . 3.05 6.70 1.92
O21 7H3 B . 8.46 -4.29 5.29
S23 7H3 B . 8.26 -2.82 1.34
N25 7H3 B . 7.14 -3.42 3.61
N26 7H3 B . 5.70 -3.11 1.95
F27 7H3 B . 10.05 -2.63 6.65
#